data_6MNH
#
_entry.id   6MNH
#
_cell.length_a   101.984
_cell.length_b   44.884
_cell.length_c   58.022
_cell.angle_alpha   90.00
_cell.angle_beta   90.00
_cell.angle_gamma   90.00
#
_symmetry.space_group_name_H-M   'P 21 21 2'
#
loop_
_entity.id
_entity.type
_entity.pdbx_description
1 polymer 'Serine/threonine-protein kinase ULK1'
2 non-polymer N-[(2R)-3-methylbutan-2-yl]-1H-benzotriazole-6-carboxamide
3 non-polymer 'DIMETHYL SULFOXIDE'
4 non-polymer 'CHLORIDE ION'
5 water water
#
_entity_poly.entity_id   1
_entity_poly.type   'polypeptide(L)'
_entity_poly.pdbx_seq_one_letter_code
;SLGGTETVGKFEFSRKDLIGHGAFAVVFKGRHREKHDLEVAVKCINKKNLAKSQTLLGKEIKILKELKHENIVALYDFQE
MAN(SEP)VYLVMEYCNGGDLADYLHAMRTLSEDTIRLFLQQIAGAMRLLHSKGIIHRDLKPQNILLSNPAGRRANPNSI
RVKIADFGFARYLQSNMMAATL(CSO)GSPMYMAPEVIMAQHYDGKADLWSIGTIVYQCLTGKAPFQAASPQDLRLFYEK
NKTLVPTIPRETSAPLRQLLLALLQRNHKDRMDFDEFFHHPFLDASPSVRKSPPV
;
_entity_poly.pdbx_strand_id   A
#
# COMPACT_ATOMS: atom_id res chain seq x y z
N THR A 5 12.96 -0.52 28.72
CA THR A 5 13.09 0.32 27.49
C THR A 5 14.25 -0.18 26.64
N GLU A 6 13.94 -0.46 25.36
CA GLU A 6 14.93 -0.87 24.39
C GLU A 6 15.37 0.35 23.60
N THR A 7 16.61 0.30 23.09
CA THR A 7 17.19 1.40 22.36
C THR A 7 17.70 0.89 21.01
N VAL A 8 17.61 1.78 20.00
CA VAL A 8 18.26 1.63 18.71
C VAL A 8 18.92 2.98 18.41
N GLY A 9 20.25 3.03 18.55
CA GLY A 9 20.96 4.30 18.45
C GLY A 9 20.37 5.32 19.42
N LYS A 10 20.01 6.49 18.87
CA LYS A 10 19.49 7.63 19.61
C LYS A 10 17.97 7.51 19.82
N PHE A 11 17.38 6.36 19.48
CA PHE A 11 15.94 6.15 19.64
C PHE A 11 15.65 5.07 20.67
N GLU A 12 14.46 5.13 21.28
CA GLU A 12 14.04 4.18 22.30
C GLU A 12 12.58 3.82 22.10
N PHE A 13 12.18 2.65 22.63
CA PHE A 13 10.80 2.19 22.52
C PHE A 13 10.49 1.17 23.62
N SER A 14 9.22 1.12 24.01
CA SER A 14 8.67 0.07 24.84
C SER A 14 7.76 -0.82 23.98
N ARG A 15 7.89 -2.14 24.16
CA ARG A 15 7.12 -3.12 23.40
C ARG A 15 5.67 -3.15 23.89
N LYS A 16 5.37 -2.39 24.95
CA LYS A 16 3.99 -2.14 25.36
C LYS A 16 3.27 -1.37 24.26
N ASP A 17 4.01 -0.56 23.50
CA ASP A 17 3.43 0.34 22.51
C ASP A 17 3.47 -0.29 21.12
N LEU A 18 2.81 -1.45 20.99
CA LEU A 18 2.71 -2.23 19.76
C LEU A 18 1.72 -1.55 18.81
N ILE A 19 2.18 -1.18 17.61
CA ILE A 19 1.39 -0.43 16.64
C ILE A 19 1.24 -1.15 15.30
N GLY A 20 2.00 -2.22 15.08
CA GLY A 20 1.88 -2.98 13.83
C GLY A 20 2.44 -4.39 13.98
N HIS A 21 1.82 -5.34 13.27
CA HIS A 21 2.21 -6.73 13.42
C HIS A 21 1.86 -7.48 12.14
N GLY A 22 2.89 -7.97 11.48
CA GLY A 22 2.72 -8.79 10.29
C GLY A 22 3.52 -10.07 10.48
N ALA A 23 3.46 -10.96 9.47
CA ALA A 23 4.20 -12.20 9.51
C ALA A 23 5.70 -11.93 9.61
N PHE A 24 6.16 -10.79 9.06
CA PHE A 24 7.59 -10.56 8.89
C PHE A 24 8.12 -9.33 9.64
N ALA A 25 7.29 -8.71 10.48
CA ALA A 25 7.75 -7.58 11.25
C ALA A 25 6.79 -7.28 12.41
N VAL A 26 7.36 -6.75 13.50
CA VAL A 26 6.57 -6.18 14.57
C VAL A 26 6.99 -4.72 14.72
N VAL A 27 6.02 -3.81 14.90
CA VAL A 27 6.29 -2.38 14.89
C VAL A 27 5.82 -1.76 16.20
N PHE A 28 6.70 -0.92 16.77
CA PHE A 28 6.41 -0.27 18.05
C PHE A 28 6.54 1.25 17.92
N LYS A 29 5.70 1.97 18.67
CA LYS A 29 5.87 3.41 18.79
C LYS A 29 7.08 3.65 19.68
N GLY A 30 7.88 4.65 19.31
CA GLY A 30 9.06 5.01 20.09
C GLY A 30 9.30 6.52 20.04
N ARG A 31 10.45 6.94 20.58
CA ARG A 31 10.78 8.36 20.66
C ARG A 31 12.29 8.54 20.56
N HIS A 32 12.70 9.75 20.15
CA HIS A 32 14.09 10.18 20.22
C HIS A 32 14.49 10.31 21.70
N ARG A 33 15.69 9.81 22.03
CA ARG A 33 16.10 9.69 23.42
C ARG A 33 16.50 11.07 23.98
N GLU A 34 16.84 12.00 23.09
CA GLU A 34 17.27 13.34 23.50
C GLU A 34 16.10 14.31 23.39
N LYS A 35 15.24 14.10 22.39
CA LYS A 35 14.09 14.95 22.10
C LYS A 35 12.84 14.10 22.20
N HIS A 36 12.27 14.04 23.42
CA HIS A 36 11.25 13.08 23.81
C HIS A 36 9.93 13.29 23.07
N ASP A 37 9.78 14.45 22.41
CA ASP A 37 8.56 14.83 21.72
C ASP A 37 8.62 14.41 20.24
N LEU A 38 9.78 13.92 19.80
CA LEU A 38 9.92 13.37 18.46
C LEU A 38 9.53 11.89 18.48
N GLU A 39 8.37 11.59 17.89
CA GLU A 39 7.82 10.24 17.82
C GLU A 39 8.41 9.51 16.62
N VAL A 40 8.64 8.20 16.78
CA VAL A 40 9.05 7.34 15.67
C VAL A 40 8.30 6.01 15.77
N ALA A 41 8.44 5.21 14.70
CA ALA A 41 8.05 3.82 14.68
C ALA A 41 9.32 2.97 14.54
N VAL A 42 9.43 1.92 15.36
CA VAL A 42 10.56 1.03 15.27
C VAL A 42 10.06 -0.33 14.76
N LYS A 43 10.51 -0.69 13.56
CA LYS A 43 10.15 -1.95 12.92
C LYS A 43 11.21 -3.00 13.24
N CYS A 44 10.76 -4.12 13.84
CA CYS A 44 11.65 -5.16 14.32
C CYS A 44 11.34 -6.47 13.60
N ILE A 45 12.26 -7.44 13.73
CA ILE A 45 12.09 -8.80 13.26
C ILE A 45 10.90 -9.45 13.95
N ASN A 46 10.17 -10.26 13.18
CA ASN A 46 9.21 -11.20 13.75
C ASN A 46 9.90 -12.56 13.84
N LYS A 47 10.16 -13.00 15.08
CA LYS A 47 10.95 -14.18 15.37
C LYS A 47 10.21 -15.48 15.00
N LYS A 48 8.89 -15.38 14.81
CA LYS A 48 8.09 -16.51 14.34
C LYS A 48 8.54 -16.90 12.93
N ASN A 49 9.05 -15.92 12.18
CA ASN A 49 9.49 -16.10 10.79
C ASN A 49 10.87 -15.47 10.62
N LEU A 50 11.80 -15.85 11.50
CA LEU A 50 13.05 -15.12 11.69
C LEU A 50 13.80 -14.92 10.38
N ALA A 51 14.11 -16.03 9.70
CA ALA A 51 14.99 -15.99 8.53
C ALA A 51 14.40 -15.04 7.48
N LYS A 52 13.11 -15.23 7.17
CA LYS A 52 12.44 -14.46 6.14
C LYS A 52 12.33 -12.99 6.55
N SER A 53 11.96 -12.77 7.82
CA SER A 53 11.83 -11.44 8.41
C SER A 53 13.14 -10.67 8.27
N GLN A 54 14.26 -11.33 8.63
CA GLN A 54 15.59 -10.74 8.57
C GLN A 54 15.90 -10.34 7.13
N THR A 55 15.65 -11.25 6.18
CA THR A 55 15.88 -11.02 4.76
C THR A 55 15.06 -9.83 4.27
N LEU A 56 13.78 -9.77 4.68
CA LEU A 56 12.88 -8.75 4.15
C LEU A 56 13.24 -7.37 4.71
N LEU A 57 13.63 -7.30 5.98
CA LEU A 57 13.94 -6.02 6.60
C LEU A 57 15.25 -5.48 6.03
N GLY A 58 16.20 -6.38 5.77
CA GLY A 58 17.43 -6.03 5.07
C GLY A 58 17.16 -5.39 3.71
N LYS A 59 16.27 -6.02 2.92
CA LYS A 59 15.89 -5.55 1.59
C LYS A 59 15.21 -4.19 1.68
N GLU A 60 14.34 -4.02 2.69
CA GLU A 60 13.61 -2.80 2.92
C GLU A 60 14.56 -1.64 3.23
N ILE A 61 15.59 -1.90 4.06
CA ILE A 61 16.61 -0.88 4.33
C ILE A 61 17.17 -0.38 2.99
N LYS A 62 17.59 -1.32 2.13
CA LYS A 62 18.28 -0.99 0.88
C LYS A 62 17.38 -0.20 -0.07
N ILE A 63 16.07 -0.51 -0.08
CA ILE A 63 15.12 0.12 -0.99
C ILE A 63 14.82 1.55 -0.52
N LEU A 64 14.53 1.71 0.77
CA LEU A 64 14.05 2.98 1.31
C LEU A 64 15.15 4.03 1.35
N LYS A 65 16.42 3.60 1.35
CA LYS A 65 17.55 4.51 1.26
C LYS A 65 17.46 5.33 -0.01
N GLU A 66 16.87 4.75 -1.06
CA GLU A 66 16.76 5.33 -2.38
C GLU A 66 15.43 6.07 -2.55
N LEU A 67 14.43 5.73 -1.74
CA LEU A 67 13.10 6.31 -1.87
C LEU A 67 12.85 7.35 -0.78
N LYS A 68 12.68 8.60 -1.22
CA LYS A 68 12.27 9.71 -0.35
C LYS A 68 11.12 10.44 -1.03
N HIS A 69 9.95 10.43 -0.36
CA HIS A 69 8.72 11.03 -0.86
C HIS A 69 7.79 11.27 0.32
N GLU A 70 6.96 12.32 0.22
CA GLU A 70 6.06 12.71 1.30
C GLU A 70 4.99 11.64 1.55
N ASN A 71 4.77 10.77 0.55
CA ASN A 71 3.76 9.72 0.63
C ASN A 71 4.39 8.33 0.68
N ILE A 72 5.70 8.27 0.97
CA ILE A 72 6.38 7.04 1.34
C ILE A 72 6.95 7.22 2.74
N VAL A 73 6.65 6.27 3.64
CA VAL A 73 7.19 6.31 5.00
C VAL A 73 8.70 6.52 4.95
N ALA A 74 9.18 7.53 5.68
CA ALA A 74 10.59 7.88 5.71
C ALA A 74 11.36 6.91 6.61
N LEU A 75 12.63 6.66 6.26
CA LEU A 75 13.56 5.91 7.10
C LEU A 75 14.57 6.86 7.72
N TYR A 76 14.63 6.86 9.05
CA TYR A 76 15.44 7.81 9.81
C TYR A 76 16.81 7.19 10.14
N ASP A 77 16.78 5.90 10.51
CA ASP A 77 17.95 5.17 11.00
C ASP A 77 17.65 3.67 10.92
N PHE A 78 18.70 2.85 11.06
CA PHE A 78 18.59 1.40 11.00
C PHE A 78 19.81 0.76 11.64
N GLN A 79 19.64 -0.46 12.16
CA GLN A 79 20.70 -1.29 12.74
C GLN A 79 20.50 -2.74 12.31
N GLU A 80 21.56 -3.35 11.75
CA GLU A 80 21.57 -4.74 11.33
C GLU A 80 22.52 -5.54 12.21
N MET A 81 21.97 -6.46 13.00
CA MET A 81 22.73 -7.33 13.89
C MET A 81 22.62 -8.78 13.40
N ALA A 82 23.11 -9.72 14.22
CA ALA A 82 23.31 -11.10 13.84
C ALA A 82 21.96 -11.82 13.71
N ASN A 83 21.11 -11.66 14.73
CA ASN A 83 19.83 -12.36 14.80
C ASN A 83 18.67 -11.36 14.80
N VAL A 85 17.28 -7.11 13.39
CA VAL A 85 17.37 -5.95 12.51
C VAL A 85 16.31 -4.94 12.98
N TYR A 86 16.64 -3.65 12.87
CA TYR A 86 15.74 -2.58 13.33
C TYR A 86 15.71 -1.46 12.31
N LEU A 87 14.49 -1.00 11.97
CA LEU A 87 14.30 0.18 11.14
C LEU A 87 13.59 1.24 11.96
N VAL A 88 14.19 2.43 12.03
CA VAL A 88 13.59 3.57 12.73
C VAL A 88 12.94 4.45 11.67
N MET A 89 11.61 4.60 11.77
CA MET A 89 10.83 5.18 10.70
C MET A 89 9.88 6.25 11.23
N GLU A 90 9.42 7.07 10.28
CA GLU A 90 8.35 8.03 10.44
C GLU A 90 7.17 7.34 11.12
N TYR A 91 6.67 7.98 12.19
CA TYR A 91 5.47 7.55 12.89
C TYR A 91 4.24 8.08 12.16
N CYS A 92 3.32 7.16 11.85
CA CYS A 92 2.03 7.48 11.25
C CYS A 92 0.96 7.21 12.30
N ASN A 93 0.30 8.29 12.77
CA ASN A 93 -0.48 8.23 14.00
C ASN A 93 -1.95 7.85 13.74
N GLY A 94 -2.30 7.55 12.48
CA GLY A 94 -3.70 7.31 12.17
C GLY A 94 -4.01 5.86 11.79
N GLY A 95 -3.11 4.92 12.11
CA GLY A 95 -3.34 3.51 11.83
C GLY A 95 -3.17 3.23 10.33
N ASP A 96 -3.87 2.20 9.84
CA ASP A 96 -3.70 1.87 8.42
C ASP A 96 -5.07 1.88 7.74
N LEU A 97 -5.08 1.70 6.42
CA LEU A 97 -6.33 1.70 5.66
C LEU A 97 -7.24 0.52 6.05
N ALA A 98 -6.66 -0.62 6.44
CA ALA A 98 -7.46 -1.76 6.88
C ALA A 98 -8.31 -1.39 8.10
N ASP A 99 -7.69 -0.70 9.08
CA ASP A 99 -8.43 -0.29 10.26
C ASP A 99 -9.51 0.71 9.87
N TYR A 100 -9.16 1.63 8.96
CA TYR A 100 -10.06 2.71 8.58
C TYR A 100 -11.30 2.15 7.90
N LEU A 101 -11.09 1.18 6.98
CA LEU A 101 -12.21 0.60 6.27
C LEU A 101 -13.07 -0.25 7.20
N HIS A 102 -12.43 -0.97 8.13
CA HIS A 102 -13.23 -1.69 9.12
C HIS A 102 -14.17 -0.75 9.87
N ALA A 103 -13.66 0.45 10.21
CA ALA A 103 -14.40 1.40 11.03
C ALA A 103 -15.49 2.10 10.22
N MET A 104 -15.19 2.48 8.97
CA MET A 104 -16.05 3.34 8.16
C MET A 104 -16.99 2.54 7.25
N ARG A 105 -16.60 1.29 6.95
CA ARG A 105 -17.26 0.32 6.07
C ARG A 105 -17.02 0.63 4.60
N THR A 106 -17.38 1.86 4.18
CA THR A 106 -17.11 2.34 2.83
C THR A 106 -16.68 3.80 2.92
N LEU A 107 -15.97 4.26 1.88
CA LEU A 107 -15.53 5.64 1.80
C LEU A 107 -16.25 6.36 0.67
N SER A 108 -16.44 7.68 0.84
CA SER A 108 -16.98 8.52 -0.22
C SER A 108 -15.99 8.56 -1.39
N GLU A 109 -16.51 8.82 -2.60
CA GLU A 109 -15.63 8.95 -3.76
C GLU A 109 -14.63 10.09 -3.55
N ASP A 110 -15.04 11.16 -2.85
CA ASP A 110 -14.13 12.27 -2.57
C ASP A 110 -12.94 11.83 -1.69
N THR A 111 -13.22 11.05 -0.63
CA THR A 111 -12.17 10.50 0.22
C THR A 111 -11.25 9.59 -0.60
N ILE A 112 -11.87 8.75 -1.46
CA ILE A 112 -11.09 7.84 -2.28
C ILE A 112 -10.13 8.63 -3.16
N ARG A 113 -10.63 9.73 -3.76
CA ARG A 113 -9.83 10.58 -4.64
CA ARG A 113 -9.84 10.58 -4.63
C ARG A 113 -8.65 11.16 -3.86
N LEU A 114 -8.91 11.64 -2.64
CA LEU A 114 -7.89 12.26 -1.80
C LEU A 114 -6.76 11.26 -1.52
N PHE A 115 -7.11 10.01 -1.18
CA PHE A 115 -6.11 9.01 -0.84
C PHE A 115 -5.37 8.56 -2.10
N LEU A 116 -6.11 8.44 -3.19
CA LEU A 116 -5.56 7.88 -4.42
C LEU A 116 -4.59 8.87 -5.09
N GLN A 117 -4.88 10.17 -4.97
CA GLN A 117 -3.94 11.19 -5.47
C GLN A 117 -2.58 11.02 -4.79
N GLN A 118 -2.61 10.78 -3.48
CA GLN A 118 -1.40 10.62 -2.68
C GLN A 118 -0.66 9.34 -3.07
N ILE A 119 -1.39 8.22 -3.14
CA ILE A 119 -0.84 6.97 -3.65
C ILE A 119 -0.17 7.18 -5.00
N ALA A 120 -0.84 7.92 -5.90
CA ALA A 120 -0.37 8.12 -7.27
C ALA A 120 0.96 8.87 -7.30
N GLY A 121 1.13 9.84 -6.39
CA GLY A 121 2.38 10.58 -6.24
C GLY A 121 3.56 9.68 -5.85
N ALA A 122 3.35 8.83 -4.84
CA ALA A 122 4.33 7.83 -4.43
C ALA A 122 4.67 6.90 -5.59
N MET A 123 3.64 6.42 -6.30
CA MET A 123 3.80 5.43 -7.37
CA MET A 123 3.84 5.43 -7.35
C MET A 123 4.56 6.05 -8.54
N ARG A 124 4.40 7.37 -8.73
CA ARG A 124 5.11 8.06 -9.80
C ARG A 124 6.62 7.91 -9.61
N LEU A 125 7.08 8.08 -8.36
CA LEU A 125 8.49 7.91 -8.01
C LEU A 125 8.96 6.47 -8.20
N LEU A 126 8.15 5.48 -7.76
CA LEU A 126 8.48 4.07 -7.96
C LEU A 126 8.70 3.80 -9.44
N HIS A 127 7.74 4.27 -10.26
CA HIS A 127 7.74 4.07 -11.71
C HIS A 127 9.03 4.64 -12.33
N SER A 128 9.41 5.84 -11.90
CA SER A 128 10.60 6.50 -12.45
C SER A 128 11.87 5.71 -12.12
N LYS A 129 11.91 5.10 -10.92
CA LYS A 129 13.07 4.38 -10.44
C LYS A 129 13.08 2.93 -10.93
N GLY A 130 11.97 2.50 -11.56
CA GLY A 130 11.77 1.13 -12.02
C GLY A 130 11.59 0.14 -10.88
N ILE A 131 10.81 0.53 -9.86
CA ILE A 131 10.57 -0.30 -8.68
C ILE A 131 9.10 -0.73 -8.67
N ILE A 132 8.88 -2.04 -8.43
CA ILE A 132 7.54 -2.58 -8.21
CA ILE A 132 7.55 -2.60 -8.22
C ILE A 132 7.43 -3.02 -6.75
N HIS A 133 6.35 -2.60 -6.09
CA HIS A 133 6.18 -2.84 -4.67
C HIS A 133 5.86 -4.31 -4.42
N ARG A 134 4.85 -4.84 -5.14
CA ARG A 134 4.48 -6.25 -5.24
C ARG A 134 3.57 -6.71 -4.09
N ASP A 135 3.41 -5.89 -3.04
CA ASP A 135 2.67 -6.30 -1.87
C ASP A 135 1.74 -5.18 -1.39
N LEU A 136 1.13 -4.42 -2.31
CA LEU A 136 0.24 -3.35 -1.88
C LEU A 136 -1.09 -3.95 -1.40
N LYS A 137 -1.56 -3.50 -0.23
CA LYS A 137 -2.77 -3.97 0.41
C LYS A 137 -3.15 -2.95 1.48
N PRO A 138 -4.40 -2.95 2.02
CA PRO A 138 -4.79 -1.92 2.99
C PRO A 138 -3.92 -1.83 4.24
N GLN A 139 -3.29 -2.95 4.63
CA GLN A 139 -2.45 -3.04 5.81
C GLN A 139 -1.15 -2.24 5.66
N ASN A 140 -0.72 -1.98 4.41
CA ASN A 140 0.52 -1.22 4.27
C ASN A 140 0.28 0.14 3.60
N ILE A 141 -0.98 0.59 3.62
CA ILE A 141 -1.30 1.98 3.32
C ILE A 141 -1.54 2.67 4.66
N LEU A 142 -0.55 3.46 5.12
CA LEU A 142 -0.61 4.04 6.46
C LEU A 142 -1.23 5.43 6.42
N LEU A 143 -1.93 5.80 7.50
CA LEU A 143 -2.61 7.08 7.61
C LEU A 143 -1.99 7.91 8.74
N SER A 144 -1.97 9.23 8.56
CA SER A 144 -1.37 10.15 9.51
C SER A 144 -2.12 11.47 9.48
N ASN A 145 -2.47 11.98 10.67
CA ASN A 145 -3.17 13.26 10.80
C ASN A 145 -2.15 14.39 10.86
N SER A 155 -7.20 16.34 6.06
CA SER A 155 -5.76 16.50 6.28
C SER A 155 -5.08 15.16 6.50
N ILE A 156 -5.84 14.05 6.39
CA ILE A 156 -5.27 12.71 6.49
C ILE A 156 -4.25 12.55 5.37
N ARG A 157 -3.00 12.28 5.78
CA ARG A 157 -1.93 11.95 4.85
C ARG A 157 -1.83 10.44 4.72
N VAL A 158 -1.57 9.98 3.49
CA VAL A 158 -1.35 8.58 3.15
C VAL A 158 0.14 8.37 2.93
N LYS A 159 0.67 7.28 3.48
CA LYS A 159 2.05 6.89 3.26
C LYS A 159 2.12 5.39 3.00
N ILE A 160 2.78 5.03 1.88
CA ILE A 160 2.99 3.63 1.53
C ILE A 160 4.15 3.10 2.36
N ALA A 161 3.92 1.94 2.99
CA ALA A 161 4.93 1.29 3.81
C ALA A 161 5.25 -0.10 3.24
N ASP A 162 6.22 -0.78 3.88
CA ASP A 162 6.40 -2.22 3.82
C ASP A 162 7.02 -2.60 2.48
N PHE A 163 8.29 -2.21 2.29
CA PHE A 163 8.94 -2.30 0.99
C PHE A 163 9.87 -3.52 0.89
N GLY A 164 9.73 -4.50 1.79
CA GLY A 164 10.60 -5.67 1.82
C GLY A 164 10.51 -6.54 0.57
N PHE A 165 9.33 -6.55 -0.08
CA PHE A 165 9.12 -7.40 -1.25
C PHE A 165 9.38 -6.66 -2.55
N ALA A 166 9.77 -5.37 -2.45
CA ALA A 166 9.95 -4.53 -3.63
C ALA A 166 11.12 -5.03 -4.47
N ARG A 167 10.99 -4.91 -5.80
CA ARG A 167 12.08 -5.29 -6.68
C ARG A 167 12.25 -4.27 -7.79
N TYR A 168 13.49 -4.17 -8.30
CA TYR A 168 13.79 -3.42 -9.51
C TYR A 168 13.44 -4.29 -10.71
N LEU A 169 12.85 -3.65 -11.74
CA LEU A 169 12.30 -4.34 -12.91
C LEU A 169 13.39 -5.13 -13.65
N THR A 177 10.87 -14.71 -3.44
CA THR A 177 9.70 -15.50 -3.08
C THR A 177 8.65 -14.57 -2.46
N LEU A 178 7.59 -14.29 -3.23
CA LEU A 178 6.52 -13.41 -2.78
C LEU A 178 5.45 -14.21 -2.04
N GLY A 180 1.86 -12.85 0.43
CA GLY A 180 1.11 -11.79 1.08
C GLY A 180 -0.38 -12.11 1.08
N SER A 181 -1.14 -11.28 0.36
CA SER A 181 -2.58 -11.45 0.30
C SER A 181 -3.03 -11.58 -1.15
N PRO A 182 -3.18 -12.83 -1.65
CA PRO A 182 -3.51 -13.07 -3.07
C PRO A 182 -4.70 -12.26 -3.61
N MET A 183 -5.67 -11.90 -2.74
CA MET A 183 -6.83 -11.17 -3.24
C MET A 183 -6.44 -9.81 -3.81
N TYR A 184 -5.28 -9.27 -3.42
CA TYR A 184 -4.78 -7.99 -3.94
C TYR A 184 -3.73 -8.15 -5.05
N MET A 185 -3.40 -9.38 -5.42
CA MET A 185 -2.33 -9.63 -6.38
C MET A 185 -2.87 -9.77 -7.80
N ALA A 186 -2.11 -9.24 -8.78
CA ALA A 186 -2.54 -9.24 -10.18
C ALA A 186 -2.65 -10.67 -10.68
N PRO A 187 -3.57 -10.95 -11.64
CA PRO A 187 -3.70 -12.28 -12.23
C PRO A 187 -2.38 -12.86 -12.75
N GLU A 188 -1.56 -12.03 -13.42
CA GLU A 188 -0.29 -12.51 -13.95
C GLU A 188 0.67 -12.91 -12.84
N VAL A 189 0.55 -12.28 -11.67
CA VAL A 189 1.41 -12.64 -10.55
C VAL A 189 0.95 -13.99 -10.00
N ILE A 190 -0.35 -14.13 -9.77
CA ILE A 190 -0.92 -15.37 -9.26
C ILE A 190 -0.67 -16.55 -10.20
N MET A 191 -0.66 -16.26 -11.50
CA MET A 191 -0.54 -17.31 -12.51
C MET A 191 0.92 -17.55 -12.89
N ALA A 192 1.86 -16.93 -12.16
CA ALA A 192 3.29 -17.17 -12.28
C ALA A 192 3.80 -16.83 -13.69
N GLN A 193 3.29 -15.71 -14.21
CA GLN A 193 3.65 -15.19 -15.53
C GLN A 193 4.59 -14.00 -15.37
N HIS A 194 5.02 -13.42 -16.51
CA HIS A 194 5.74 -12.15 -16.51
C HIS A 194 4.86 -11.05 -15.94
N TYR A 195 5.46 -10.12 -15.18
CA TYR A 195 4.74 -8.94 -14.72
C TYR A 195 5.70 -7.77 -14.62
N ASP A 196 5.14 -6.55 -14.61
CA ASP A 196 5.90 -5.34 -14.33
C ASP A 196 5.08 -4.47 -13.38
N GLY A 197 5.28 -3.14 -13.48
CA GLY A 197 4.66 -2.18 -12.58
C GLY A 197 3.13 -2.21 -12.68
N LYS A 198 2.62 -2.75 -13.79
CA LYS A 198 1.17 -2.80 -13.99
C LYS A 198 0.56 -3.76 -12.97
N ALA A 199 1.39 -4.64 -12.39
CA ALA A 199 0.88 -5.51 -11.32
C ALA A 199 0.46 -4.68 -10.09
N ASP A 200 1.21 -3.61 -9.77
CA ASP A 200 0.83 -2.71 -8.69
C ASP A 200 -0.46 -1.95 -9.01
N LEU A 201 -0.68 -1.63 -10.30
CA LEU A 201 -1.90 -0.91 -10.69
C LEU A 201 -3.16 -1.74 -10.43
N TRP A 202 -3.09 -3.06 -10.69
CA TRP A 202 -4.14 -4.00 -10.35
C TRP A 202 -4.41 -3.95 -8.85
N SER A 203 -3.34 -4.03 -8.05
CA SER A 203 -3.48 -4.02 -6.59
C SER A 203 -4.22 -2.75 -6.16
N ILE A 204 -3.83 -1.61 -6.75
CA ILE A 204 -4.44 -0.32 -6.45
CA ILE A 204 -4.45 -0.34 -6.41
C ILE A 204 -5.92 -0.38 -6.80
N GLY A 205 -6.22 -0.90 -8.00
CA GLY A 205 -7.61 -1.08 -8.42
C GLY A 205 -8.42 -1.88 -7.42
N THR A 206 -7.82 -2.94 -6.87
CA THR A 206 -8.56 -3.79 -5.93
C THR A 206 -8.84 -3.03 -4.64
N ILE A 207 -7.85 -2.24 -4.20
CA ILE A 207 -7.93 -1.45 -2.98
C ILE A 207 -9.02 -0.38 -3.13
N VAL A 208 -8.99 0.32 -4.28
CA VAL A 208 -9.99 1.35 -4.58
C VAL A 208 -11.39 0.73 -4.58
N TYR A 209 -11.52 -0.45 -5.20
CA TYR A 209 -12.80 -1.17 -5.26
C TYR A 209 -13.31 -1.47 -3.85
N GLN A 210 -12.40 -1.92 -2.98
CA GLN A 210 -12.72 -2.24 -1.60
C GLN A 210 -13.13 -0.98 -0.83
N CYS A 211 -12.47 0.14 -1.08
CA CYS A 211 -12.86 1.38 -0.41
C CYS A 211 -14.28 1.75 -0.81
N LEU A 212 -14.62 1.53 -2.10
CA LEU A 212 -15.90 1.93 -2.66
C LEU A 212 -17.05 1.05 -2.15
N THR A 213 -16.81 -0.26 -2.07
CA THR A 213 -17.90 -1.21 -1.90
C THR A 213 -17.83 -1.94 -0.56
N GLY A 214 -16.66 -1.92 0.09
CA GLY A 214 -16.46 -2.68 1.33
C GLY A 214 -15.92 -4.09 1.13
N LYS A 215 -15.76 -4.53 -0.13
CA LYS A 215 -15.30 -5.89 -0.40
C LYS A 215 -14.29 -5.88 -1.53
N ALA A 216 -13.47 -6.94 -1.60
CA ALA A 216 -12.57 -7.09 -2.74
C ALA A 216 -13.39 -7.49 -3.95
N PRO A 217 -12.98 -7.11 -5.19
CA PRO A 217 -13.78 -7.41 -6.37
C PRO A 217 -13.90 -8.89 -6.78
N PHE A 218 -12.85 -9.67 -6.50
CA PHE A 218 -12.79 -11.08 -6.86
C PHE A 218 -12.33 -11.85 -5.63
N GLN A 219 -13.19 -12.79 -5.21
CA GLN A 219 -12.86 -13.58 -4.04
C GLN A 219 -13.05 -15.06 -4.38
N ALA A 220 -12.32 -15.90 -3.66
CA ALA A 220 -12.40 -17.33 -3.81
C ALA A 220 -12.16 -17.96 -2.44
N ALA A 221 -12.40 -19.27 -2.36
CA ALA A 221 -12.41 -19.99 -1.10
C ALA A 221 -10.99 -20.22 -0.59
N SER A 222 -9.99 -20.03 -1.46
CA SER A 222 -8.59 -20.34 -1.19
C SER A 222 -7.71 -19.68 -2.25
N PRO A 223 -6.40 -19.45 -1.98
CA PRO A 223 -5.45 -19.01 -3.00
C PRO A 223 -5.40 -19.88 -4.26
N GLN A 224 -5.52 -21.20 -4.10
CA GLN A 224 -5.53 -22.10 -5.25
C GLN A 224 -6.81 -21.91 -6.07
N ASP A 225 -7.94 -21.70 -5.38
CA ASP A 225 -9.21 -21.48 -6.07
C ASP A 225 -9.18 -20.13 -6.81
N LEU A 226 -8.50 -19.13 -6.25
CA LEU A 226 -8.40 -17.84 -6.93
C LEU A 226 -7.58 -18.02 -8.20
N ARG A 227 -6.47 -18.78 -8.11
CA ARG A 227 -5.67 -19.05 -9.30
C ARG A 227 -6.53 -19.73 -10.37
N LEU A 228 -7.28 -20.77 -9.98
CA LEU A 228 -8.13 -21.47 -10.94
C LEU A 228 -9.15 -20.52 -11.57
N PHE A 229 -9.69 -19.60 -10.76
CA PHE A 229 -10.66 -18.63 -11.24
C PHE A 229 -10.05 -17.71 -12.30
N TYR A 230 -8.82 -17.22 -12.03
CA TYR A 230 -8.13 -16.32 -12.95
C TYR A 230 -7.71 -17.07 -14.22
N GLU A 231 -7.34 -18.35 -14.08
CA GLU A 231 -6.96 -19.16 -15.22
C GLU A 231 -8.14 -19.40 -16.17
N LYS A 232 -9.33 -19.63 -15.59
CA LYS A 232 -10.50 -20.04 -16.35
C LYS A 232 -11.15 -18.86 -17.06
N ASN A 233 -11.08 -17.66 -16.46
CA ASN A 233 -11.87 -16.52 -16.89
C ASN A 233 -10.96 -15.50 -17.55
N LYS A 234 -10.95 -15.47 -18.90
CA LYS A 234 -10.02 -14.64 -19.63
C LYS A 234 -10.48 -13.18 -19.64
N THR A 235 -11.73 -12.94 -19.25
CA THR A 235 -12.26 -11.59 -19.10
C THR A 235 -12.82 -11.44 -17.69
N LEU A 236 -12.19 -10.55 -16.90
CA LEU A 236 -12.67 -10.23 -15.56
C LEU A 236 -13.32 -8.84 -15.57
N VAL A 237 -14.54 -8.75 -15.06
CA VAL A 237 -15.23 -7.48 -14.96
C VAL A 237 -15.70 -7.34 -13.51
N PRO A 238 -15.22 -6.31 -12.77
CA PRO A 238 -15.70 -6.11 -11.40
C PRO A 238 -17.14 -5.61 -11.48
N THR A 239 -17.96 -5.99 -10.49
CA THR A 239 -19.34 -5.51 -10.40
C THR A 239 -19.34 -4.12 -9.76
N ILE A 240 -19.53 -3.08 -10.58
CA ILE A 240 -19.44 -1.72 -10.07
C ILE A 240 -20.87 -1.21 -9.86
N PRO A 241 -21.23 -0.73 -8.65
CA PRO A 241 -22.59 -0.26 -8.38
C PRO A 241 -23.07 0.80 -9.38
N ARG A 242 -24.37 0.82 -9.64
CA ARG A 242 -24.99 1.73 -10.60
C ARG A 242 -24.70 3.19 -10.23
N GLU A 243 -24.64 3.48 -8.92
CA GLU A 243 -24.51 4.85 -8.42
C GLU A 243 -23.10 5.40 -8.53
N THR A 244 -22.11 4.56 -8.88
CA THR A 244 -20.73 5.02 -9.01
C THR A 244 -20.63 6.02 -10.16
N SER A 245 -19.81 7.05 -9.95
CA SER A 245 -19.62 8.11 -10.93
C SER A 245 -18.95 7.54 -12.18
N ALA A 246 -19.25 8.14 -13.34
CA ALA A 246 -18.68 7.68 -14.60
C ALA A 246 -17.14 7.65 -14.56
N PRO A 247 -16.41 8.68 -14.09
CA PRO A 247 -14.94 8.62 -14.05
C PRO A 247 -14.38 7.48 -13.19
N LEU A 248 -15.00 7.23 -12.03
CA LEU A 248 -14.53 6.17 -11.15
C LEU A 248 -14.80 4.80 -11.77
N ARG A 249 -15.98 4.63 -12.39
CA ARG A 249 -16.34 3.41 -13.08
CA ARG A 249 -16.34 3.40 -13.08
C ARG A 249 -15.29 3.11 -14.15
N GLN A 250 -14.95 4.14 -14.94
CA GLN A 250 -14.01 3.96 -16.04
C GLN A 250 -12.63 3.57 -15.51
N LEU A 251 -12.19 4.26 -14.44
CA LEU A 251 -10.89 4.00 -13.84
C LEU A 251 -10.82 2.56 -13.33
N LEU A 252 -11.87 2.12 -12.62
CA LEU A 252 -11.88 0.79 -12.04
C LEU A 252 -11.88 -0.30 -13.13
N LEU A 253 -12.67 -0.10 -14.20
CA LEU A 253 -12.67 -1.07 -15.29
C LEU A 253 -11.28 -1.18 -15.95
N ALA A 254 -10.54 -0.07 -16.03
CA ALA A 254 -9.25 -0.03 -16.71
C ALA A 254 -8.13 -0.58 -15.84
N LEU A 255 -8.26 -0.39 -14.51
CA LEU A 255 -7.26 -0.93 -13.59
C LEU A 255 -7.46 -2.44 -13.44
N LEU A 256 -8.74 -2.86 -13.45
CA LEU A 256 -9.04 -4.26 -13.20
C LEU A 256 -9.23 -5.05 -14.49
N GLN A 257 -8.26 -4.89 -15.40
CA GLN A 257 -8.18 -5.70 -16.60
C GLN A 257 -7.32 -6.93 -16.31
N ARG A 258 -7.86 -8.11 -16.62
CA ARG A 258 -7.20 -9.38 -16.32
C ARG A 258 -5.85 -9.47 -17.03
N ASN A 259 -5.84 -9.07 -18.30
CA ASN A 259 -4.67 -9.18 -19.17
C ASN A 259 -3.91 -7.86 -19.12
N HIS A 260 -2.64 -7.88 -18.67
CA HIS A 260 -1.91 -6.64 -18.42
C HIS A 260 -1.75 -5.80 -19.69
N LYS A 261 -1.74 -6.43 -20.88
CA LYS A 261 -1.65 -5.67 -22.12
C LYS A 261 -2.80 -4.67 -22.26
N ASP A 262 -3.96 -5.00 -21.68
CA ASP A 262 -5.18 -4.21 -21.78
C ASP A 262 -5.33 -3.25 -20.60
N ARG A 263 -4.54 -3.47 -19.55
CA ARG A 263 -4.64 -2.68 -18.33
C ARG A 263 -4.05 -1.29 -18.57
N MET A 264 -4.69 -0.28 -18.00
CA MET A 264 -4.18 1.08 -17.97
C MET A 264 -2.70 1.10 -17.56
N ASP A 265 -1.87 1.91 -18.25
CA ASP A 265 -0.47 2.09 -17.90
CA ASP A 265 -0.48 2.06 -17.87
C ASP A 265 -0.34 3.23 -16.89
N PHE A 266 0.88 3.42 -16.37
CA PHE A 266 1.10 4.41 -15.32
C PHE A 266 0.76 5.83 -15.77
N ASP A 267 1.18 6.21 -16.99
CA ASP A 267 0.89 7.55 -17.52
C ASP A 267 -0.61 7.85 -17.50
N GLU A 268 -1.41 6.91 -18.02
CA GLU A 268 -2.85 7.08 -18.11
C GLU A 268 -3.47 7.16 -16.71
N PHE A 269 -2.96 6.33 -15.79
CA PHE A 269 -3.42 6.35 -14.40
C PHE A 269 -3.17 7.71 -13.75
N PHE A 270 -1.92 8.17 -13.83
CA PHE A 270 -1.48 9.40 -13.19
C PHE A 270 -2.29 10.61 -13.66
N HIS A 271 -2.66 10.61 -14.96
CA HIS A 271 -3.34 11.73 -15.57
C HIS A 271 -4.86 11.53 -15.66
N HIS A 272 -5.37 10.50 -14.96
CA HIS A 272 -6.79 10.18 -15.09
C HIS A 272 -7.64 11.29 -14.47
N PRO A 273 -8.77 11.68 -15.13
CA PRO A 273 -9.64 12.72 -14.59
C PRO A 273 -10.15 12.46 -13.17
N PHE A 274 -10.28 11.19 -12.78
CA PHE A 274 -10.78 10.92 -11.43
C PHE A 274 -9.84 11.50 -10.37
N LEU A 275 -8.54 11.53 -10.68
CA LEU A 275 -7.56 12.03 -9.73
C LEU A 275 -7.54 13.56 -9.64
N ASP A 276 -8.53 14.22 -10.28
CA ASP A 276 -8.78 15.65 -10.13
C ASP A 276 -10.02 15.88 -9.25
N ALA A 277 -9.93 16.88 -8.36
CA ALA A 277 -10.92 17.17 -7.32
C ALA A 277 -12.33 17.32 -7.89
N SER A 278 -13.28 16.62 -7.27
CA SER A 278 -14.70 16.65 -7.66
C SER A 278 -15.57 16.71 -6.39
N PRO A 279 -16.27 17.83 -6.18
CA PRO A 279 -16.29 18.99 -7.06
C PRO A 279 -14.96 19.75 -7.09
N SER A 280 -14.69 20.40 -8.23
CA SER A 280 -13.45 21.13 -8.48
C SER A 280 -13.36 22.36 -7.58
N VAL A 281 -14.52 23.04 -7.39
CA VAL A 281 -14.63 24.13 -6.43
C VAL A 281 -15.76 23.82 -5.45
N ARG A 282 -15.43 23.91 -4.15
CA ARG A 282 -16.43 23.69 -3.11
C ARG A 282 -16.43 24.86 -2.14
N LYS A 283 -17.25 24.72 -1.08
CA LYS A 283 -17.28 25.66 0.02
C LYS A 283 -15.95 25.60 0.76
N SER A 284 -15.47 26.78 1.17
CA SER A 284 -14.50 26.87 2.25
C SER A 284 -15.05 26.08 3.44
N PRO A 285 -14.20 25.52 4.34
CA PRO A 285 -14.68 24.70 5.46
C PRO A 285 -15.50 25.49 6.48
N PRO A 286 -16.41 24.83 7.24
CA PRO A 286 -17.26 25.52 8.21
C PRO A 286 -16.42 26.25 9.25
N VAL A 287 -16.84 27.48 9.58
CA VAL A 287 -16.11 28.35 10.48
C VAL A 287 -16.40 27.92 11.93
#